data_8B5W
#
_entry.id   8B5W
#
_cell.length_a   67.131
_cell.length_b   84.644
_cell.length_c   148.130
_cell.angle_alpha   90.000
_cell.angle_beta   90.000
_cell.angle_gamma   90.000
#
_symmetry.space_group_name_H-M   'I 2 2 2'
#
loop_
_entity.id
_entity.type
_entity.pdbx_description
1 polymer 'cDNA FLJ12511 fis, clone NT2RM2001727, highly similar to Homo sapiens ubiquitin protein ligase E3 component n-recognin 4 (UBR4), mRNA'
2 non-polymer 'ZINC ION'
3 non-polymer 1,2-ETHANEDIOL
4 water water
#
_entity_poly.entity_id   1
_entity_poly.type   'polypeptide(L)'
_entity_poly.pdbx_seq_one_letter_code
;GPLGSAIQHPGTQVLIGTDSIPNLHKLEQVSSDEGIGTLAENLLEALREHPDVNKKIDAARRETRAEKKRMAMAMRQKAL
GTLGMTTNEKGQVVTKTALLKQMEELIEEPGLTCCICREGYKFQPTKVLGIYTFTKRVALEELENKPRKQQGYSTVSHFN
IVHYDCHLAAVRLARGREEWESAALQNANTKCNGLLPVWGPHVPESAFATCLARHNTYLQECTGQREPTYQLNIHDIKLL
FLRFAMEQSFSADTGGGGRESNIHLIPYIIHTVLYVLNTTRATSREEKNLQGFLEQPKEKWVESAFEVDGPYYFTVLALH
ILPPEQWRATRVEILRRLLVTSQARAVAPGGATRLTDKAVKDYSAYRSSLLFWALVDLIYNMFKKVPTSNTEGGWSCSLA
EYIRHNDMPIYEAADKALKTFQEEFMPVETFSEFLDVAGLLSEITDPESFLKDLLNSVP
;
_entity_poly.pdbx_strand_id   A
#
loop_
_chem_comp.id
_chem_comp.type
_chem_comp.name
_chem_comp.formula
EDO non-polymer 1,2-ETHANEDIOL 'C2 H6 O2'
ZN non-polymer 'ZINC ION' 'Zn 2'
#
# COMPACT_ATOMS: atom_id res chain seq x y z
N GLU A 109 6.87 -17.82 -22.53
CA GLU A 109 6.74 -16.47 -21.98
C GLU A 109 7.22 -16.42 -20.54
N PRO A 110 8.36 -15.76 -20.30
CA PRO A 110 8.92 -15.74 -18.94
C PRO A 110 8.22 -14.79 -17.98
N GLY A 111 7.42 -13.85 -18.47
CA GLY A 111 6.83 -12.85 -17.60
C GLY A 111 5.35 -13.02 -17.35
N LEU A 112 4.66 -11.91 -17.11
CA LEU A 112 3.21 -11.95 -16.91
C LEU A 112 2.53 -12.38 -18.21
N THR A 113 1.58 -13.30 -18.09
CA THR A 113 0.86 -13.83 -19.25
C THR A 113 -0.64 -13.74 -19.02
N CYS A 114 -1.36 -13.44 -20.10
CA CYS A 114 -2.82 -13.45 -20.07
C CYS A 114 -3.32 -14.89 -19.96
N CYS A 115 -4.18 -15.14 -18.97
CA CYS A 115 -4.64 -16.51 -18.77
C CYS A 115 -5.64 -16.95 -19.84
N ILE A 116 -6.19 -16.02 -20.60
CA ILE A 116 -7.12 -16.37 -21.68
C ILE A 116 -6.35 -16.88 -22.90
N CYS A 117 -5.45 -16.06 -23.43
CA CYS A 117 -4.74 -16.38 -24.66
C CYS A 117 -3.34 -16.94 -24.44
N ARG A 118 -2.87 -17.01 -23.18
CA ARG A 118 -1.58 -17.58 -22.81
C ARG A 118 -0.40 -16.81 -23.40
N GLU A 119 -0.57 -15.54 -23.74
CA GLU A 119 0.49 -14.73 -24.31
C GLU A 119 0.77 -13.52 -23.42
N GLY A 120 2.02 -13.07 -23.44
CA GLY A 120 2.47 -11.89 -22.73
C GLY A 120 3.21 -10.96 -23.67
N TYR A 121 4.22 -10.27 -23.12
CA TYR A 121 4.95 -9.28 -23.91
C TYR A 121 5.85 -9.91 -24.97
N LYS A 122 6.21 -11.20 -24.83
CA LYS A 122 7.09 -11.81 -25.82
C LYS A 122 6.41 -11.88 -27.18
N PHE A 123 5.15 -12.32 -27.21
CA PHE A 123 4.39 -12.40 -28.45
C PHE A 123 3.46 -11.23 -28.66
N GLN A 124 3.12 -10.48 -27.61
CA GLN A 124 2.25 -9.31 -27.70
C GLN A 124 2.86 -8.17 -26.91
N PRO A 125 3.96 -7.58 -27.40
CA PRO A 125 4.64 -6.54 -26.62
C PRO A 125 3.84 -5.27 -26.44
N THR A 126 2.80 -5.04 -27.24
CA THR A 126 2.05 -3.79 -27.18
C THR A 126 0.64 -3.94 -26.61
N LYS A 127 0.26 -5.12 -26.14
CA LYS A 127 -1.08 -5.36 -25.63
C LYS A 127 -1.11 -5.19 -24.11
N VAL A 128 -2.03 -4.36 -23.63
CA VAL A 128 -2.11 -4.06 -22.20
C VAL A 128 -2.51 -5.32 -21.43
N LEU A 129 -1.75 -5.63 -20.39
CA LEU A 129 -2.11 -6.67 -19.43
C LEU A 129 -2.74 -6.03 -18.21
N GLY A 130 -3.68 -6.76 -17.60
CA GLY A 130 -4.37 -6.28 -16.43
C GLY A 130 -4.45 -7.35 -15.35
N ILE A 131 -4.73 -6.89 -14.13
CA ILE A 131 -4.88 -7.77 -12.97
C ILE A 131 -6.34 -7.70 -12.52
N TYR A 132 -6.99 -8.86 -12.45
CA TYR A 132 -8.36 -8.90 -11.94
C TYR A 132 -8.37 -8.50 -10.46
N THR A 133 -9.25 -7.56 -10.12
CA THR A 133 -9.32 -7.03 -8.76
C THR A 133 -10.75 -7.10 -8.25
N PHE A 134 -10.87 -7.04 -6.92
CA PHE A 134 -12.17 -6.91 -6.27
C PHE A 134 -12.09 -5.77 -5.27
N THR A 135 -12.91 -4.75 -5.47
CA THR A 135 -12.91 -3.55 -4.66
C THR A 135 -14.28 -3.34 -4.01
N LYS A 136 -14.28 -2.77 -2.82
CA LYS A 136 -15.51 -2.47 -2.10
C LYS A 136 -15.37 -1.14 -1.38
N ARG A 137 -16.51 -0.48 -1.17
CA ARG A 137 -16.53 0.76 -0.40
C ARG A 137 -16.29 0.48 1.07
N VAL A 138 -15.40 1.26 1.70
CA VAL A 138 -15.11 1.14 3.12
C VAL A 138 -14.85 2.55 3.66
N ALA A 139 -14.85 2.67 4.99
CA ALA A 139 -14.37 3.88 5.63
C ALA A 139 -12.85 3.98 5.44
N LEU A 140 -12.38 5.19 5.14
CA LEU A 140 -10.94 5.40 5.00
C LEU A 140 -10.22 5.18 6.32
N GLU A 141 -10.83 5.60 7.42
CA GLU A 141 -10.18 5.57 8.73
C GLU A 141 -11.23 5.16 9.76
N GLU A 142 -11.19 3.89 10.18
CA GLU A 142 -12.17 3.38 11.14
C GLU A 142 -12.10 4.11 12.47
N LEU A 143 -10.98 4.73 12.80
CA LEU A 143 -10.83 5.45 14.05
C LEU A 143 -11.23 6.92 13.95
N GLU A 144 -11.80 7.34 12.82
CA GLU A 144 -12.22 8.73 12.67
C GLU A 144 -13.33 9.06 13.65
N ASN A 145 -13.13 10.13 14.42
CA ASN A 145 -14.03 10.50 15.50
C ASN A 145 -15.19 11.33 14.95
N LYS A 146 -16.01 10.69 14.11
CA LYS A 146 -17.17 11.33 13.51
C LYS A 146 -18.22 10.28 13.19
N PRO A 147 -19.51 10.59 13.40
CA PRO A 147 -20.54 9.59 13.15
C PRO A 147 -20.66 9.20 11.68
N ARG A 148 -20.31 10.10 10.77
CA ARG A 148 -20.25 9.79 9.34
C ARG A 148 -18.78 9.79 8.95
N LYS A 149 -18.22 8.60 8.74
CA LYS A 149 -16.82 8.47 8.40
C LYS A 149 -16.62 8.67 6.89
N GLN A 150 -15.53 9.35 6.54
CA GLN A 150 -15.20 9.56 5.14
C GLN A 150 -15.00 8.22 4.44
N GLN A 151 -15.55 8.10 3.23
CA GLN A 151 -15.59 6.82 2.53
C GLN A 151 -14.55 6.75 1.43
N GLY A 152 -14.06 5.54 1.20
CA GLY A 152 -13.10 5.26 0.15
C GLY A 152 -13.33 3.85 -0.34
N TYR A 153 -12.25 3.18 -0.74
CA TYR A 153 -12.40 1.82 -1.23
C TYR A 153 -11.14 1.01 -0.91
N SER A 154 -11.34 -0.31 -0.83
CA SER A 154 -10.25 -1.24 -0.53
C SER A 154 -10.26 -2.35 -1.57
N THR A 155 -9.14 -2.53 -2.23
CA THR A 155 -8.98 -3.51 -3.31
C THR A 155 -8.18 -4.71 -2.83
N VAL A 156 -8.58 -5.90 -3.29
CA VAL A 156 -7.80 -7.12 -3.13
C VAL A 156 -7.74 -7.81 -4.48
N SER A 157 -6.94 -8.87 -4.55
CA SER A 157 -6.75 -9.55 -5.83
C SER A 157 -6.27 -10.98 -5.60
N HIS A 158 -6.63 -11.85 -6.54
CA HIS A 158 -6.05 -13.19 -6.65
C HIS A 158 -4.84 -13.20 -7.58
N PHE A 159 -4.47 -12.04 -8.12
CA PHE A 159 -3.35 -11.89 -9.06
C PHE A 159 -3.51 -12.78 -10.29
N ASN A 160 -4.74 -12.86 -10.80
CA ASN A 160 -4.99 -13.44 -12.11
C ASN A 160 -4.93 -12.34 -13.16
N ILE A 161 -4.30 -12.64 -14.29
CA ILE A 161 -3.92 -11.62 -15.27
C ILE A 161 -4.54 -11.97 -16.61
N VAL A 162 -5.14 -10.96 -17.26
CA VAL A 162 -5.67 -11.06 -18.61
C VAL A 162 -5.33 -9.79 -19.39
N HIS A 163 -5.33 -9.91 -20.71
CA HIS A 163 -5.30 -8.72 -21.55
C HIS A 163 -6.61 -7.97 -21.43
N TYR A 164 -6.54 -6.63 -21.51
CA TYR A 164 -7.76 -5.85 -21.55
C TYR A 164 -8.56 -6.15 -22.81
N ASP A 165 -7.88 -6.36 -23.93
CA ASP A 165 -8.57 -6.72 -25.17
C ASP A 165 -9.25 -8.08 -25.06
N CYS A 166 -8.56 -9.06 -24.44
CA CYS A 166 -9.13 -10.39 -24.31
C CYS A 166 -10.34 -10.38 -23.39
N HIS A 167 -10.24 -9.68 -22.26
CA HIS A 167 -11.38 -9.59 -21.34
C HIS A 167 -12.57 -8.91 -22.01
N LEU A 168 -12.33 -7.81 -22.71
CA LEU A 168 -13.43 -7.09 -23.35
C LEU A 168 -14.04 -7.89 -24.49
N ALA A 169 -13.25 -8.74 -25.15
CA ALA A 169 -13.80 -9.60 -26.18
C ALA A 169 -14.72 -10.66 -25.58
N ALA A 170 -14.28 -11.30 -24.50
CA ALA A 170 -15.11 -12.31 -23.84
C ALA A 170 -16.39 -11.70 -23.28
N VAL A 171 -16.35 -10.42 -22.90
CA VAL A 171 -17.57 -9.74 -22.46
C VAL A 171 -18.55 -9.61 -23.61
N ARG A 172 -18.03 -9.48 -24.84
CA ARG A 172 -18.86 -9.42 -26.05
C ARG A 172 -19.86 -8.26 -25.99
N GLU A 178 -16.77 -6.23 -18.19
CA GLU A 178 -17.88 -5.52 -17.57
C GLU A 178 -18.85 -6.48 -16.90
N GLU A 179 -19.06 -7.65 -17.50
CA GLU A 179 -19.83 -8.71 -16.84
C GLU A 179 -18.86 -9.50 -15.97
N TRP A 180 -18.99 -9.33 -14.66
CA TRP A 180 -18.03 -9.89 -13.72
C TRP A 180 -18.39 -11.28 -13.25
N GLU A 181 -19.67 -11.66 -13.38
CA GLU A 181 -20.00 -13.07 -13.25
C GLU A 181 -19.27 -13.90 -14.30
N SER A 182 -19.10 -13.35 -15.50
CA SER A 182 -18.35 -14.05 -16.54
C SER A 182 -16.85 -14.06 -16.22
N ALA A 183 -16.33 -12.93 -15.73
CA ALA A 183 -14.89 -12.82 -15.51
C ALA A 183 -14.41 -13.73 -14.38
N ALA A 184 -15.27 -14.04 -13.41
CA ALA A 184 -14.86 -14.84 -12.26
C ALA A 184 -14.35 -16.21 -12.68
N LEU A 185 -14.80 -16.72 -13.83
CA LEU A 185 -14.39 -18.05 -14.26
C LEU A 185 -12.93 -18.08 -14.71
N GLN A 186 -12.44 -16.96 -15.24
CA GLN A 186 -11.01 -16.82 -15.52
C GLN A 186 -10.22 -16.35 -14.31
N ASN A 187 -10.91 -15.99 -13.22
CA ASN A 187 -10.28 -15.52 -12.00
C ASN A 187 -10.24 -16.59 -10.92
N ALA A 188 -10.02 -17.85 -11.33
CA ALA A 188 -9.96 -18.98 -10.40
C ALA A 188 -11.25 -19.10 -9.57
N ASN A 189 -12.38 -18.78 -10.20
CA ASN A 189 -13.70 -18.89 -9.57
C ASN A 189 -13.78 -18.03 -8.29
N THR A 190 -13.13 -16.87 -8.32
CA THR A 190 -13.24 -15.90 -7.24
C THR A 190 -13.76 -14.58 -7.79
N LYS A 191 -14.49 -13.86 -6.95
CA LYS A 191 -15.17 -12.64 -7.41
C LYS A 191 -14.18 -11.57 -7.83
N CYS A 192 -14.55 -10.83 -8.86
CA CYS A 192 -13.80 -9.66 -9.29
C CYS A 192 -14.79 -8.62 -9.80
N ASN A 193 -14.37 -7.35 -9.75
CA ASN A 193 -15.18 -6.28 -10.33
C ASN A 193 -14.30 -5.18 -10.92
N GLY A 194 -13.03 -5.46 -11.21
CA GLY A 194 -12.14 -4.48 -11.79
C GLY A 194 -11.01 -5.19 -12.49
N LEU A 195 -10.26 -4.43 -13.28
CA LEU A 195 -9.13 -4.94 -14.04
C LEU A 195 -8.05 -3.87 -14.01
N LEU A 196 -7.11 -4.01 -13.08
CA LEU A 196 -6.08 -3.00 -12.90
C LEU A 196 -5.02 -3.13 -13.98
N PRO A 197 -4.83 -2.13 -14.84
CA PRO A 197 -3.84 -2.26 -15.91
C PRO A 197 -2.42 -2.06 -15.40
N VAL A 198 -1.49 -2.76 -16.03
CA VAL A 198 -0.07 -2.50 -15.88
C VAL A 198 0.44 -1.96 -17.20
N TRP A 199 1.59 -1.29 -17.15
CA TRP A 199 2.10 -0.56 -18.32
C TRP A 199 3.40 -1.19 -18.79
N GLY A 200 3.29 -2.09 -19.77
CA GLY A 200 4.45 -2.77 -20.32
C GLY A 200 5.41 -1.82 -21.00
N PRO A 201 6.68 -2.24 -21.12
CA PRO A 201 7.70 -1.34 -21.67
C PRO A 201 7.42 -0.87 -23.07
N HIS A 202 6.79 -1.68 -23.92
CA HIS A 202 6.52 -1.32 -25.30
C HIS A 202 5.04 -1.05 -25.55
N VAL A 203 4.24 -0.97 -24.50
CA VAL A 203 2.84 -0.60 -24.62
C VAL A 203 2.75 0.92 -24.81
N PRO A 204 2.04 1.41 -25.81
CA PRO A 204 1.89 2.87 -25.97
C PRO A 204 1.09 3.45 -24.80
N GLU A 205 1.47 4.67 -24.40
CA GLU A 205 0.82 5.29 -23.24
C GLU A 205 -0.67 5.47 -23.48
N SER A 206 -1.07 5.78 -24.72
CA SER A 206 -2.48 5.99 -25.00
C SER A 206 -3.30 4.74 -24.71
N ALA A 207 -2.74 3.56 -24.99
CA ALA A 207 -3.45 2.32 -24.68
C ALA A 207 -3.54 2.10 -23.18
N PHE A 208 -2.45 2.35 -22.45
CA PHE A 208 -2.48 2.20 -21.00
C PHE A 208 -3.45 3.19 -20.37
N ALA A 209 -3.39 4.46 -20.79
CA ALA A 209 -4.26 5.48 -20.23
C ALA A 209 -5.73 5.14 -20.49
N THR A 210 -6.03 4.61 -21.68
CA THR A 210 -7.39 4.18 -21.98
C THR A 210 -7.84 3.11 -20.99
N CYS A 211 -7.00 2.10 -20.75
CA CYS A 211 -7.36 1.03 -19.84
C CYS A 211 -7.42 1.50 -18.39
N LEU A 212 -6.58 2.45 -18.02
CA LEU A 212 -6.66 3.01 -16.67
C LEU A 212 -7.97 3.77 -16.49
N ALA A 213 -8.42 4.47 -17.53
CA ALA A 213 -9.73 5.11 -17.47
C ALA A 213 -10.83 4.07 -17.33
N ARG A 214 -10.70 2.95 -18.05
CA ARG A 214 -11.67 1.87 -17.92
C ARG A 214 -11.73 1.35 -16.49
N HIS A 215 -10.56 1.16 -15.87
CA HIS A 215 -10.53 0.66 -14.50
C HIS A 215 -11.15 1.66 -13.52
N ASN A 216 -10.91 2.96 -13.74
CA ASN A 216 -11.52 3.97 -12.89
C ASN A 216 -13.03 3.96 -13.00
N THR A 217 -13.56 3.67 -14.19
CA THR A 217 -15.01 3.50 -14.35
C THR A 217 -15.49 2.25 -13.61
N TYR A 218 -14.73 1.15 -13.71
CA TYR A 218 -15.04 -0.03 -12.92
C TYR A 218 -15.07 0.30 -11.44
N LEU A 219 -14.12 1.13 -10.97
CA LEU A 219 -14.07 1.48 -9.56
C LEU A 219 -15.28 2.32 -9.15
N GLN A 220 -15.68 3.28 -10.01
CA GLN A 220 -16.87 4.06 -9.72
C GLN A 220 -18.11 3.17 -9.63
N GLU A 221 -18.23 2.21 -10.52
CA GLU A 221 -19.45 1.41 -10.61
C GLU A 221 -19.62 0.46 -9.42
N CYS A 222 -18.54 0.07 -8.76
CA CYS A 222 -18.63 -0.87 -7.66
C CYS A 222 -18.47 -0.22 -6.28
N THR A 223 -18.02 1.03 -6.22
CA THR A 223 -17.82 1.71 -4.94
C THR A 223 -18.72 2.93 -4.76
N GLY A 224 -19.53 3.28 -5.75
CA GLY A 224 -20.34 4.48 -5.66
C GLY A 224 -19.49 5.73 -5.48
N GLN A 225 -18.25 5.65 -5.94
CA GLN A 225 -17.29 6.73 -5.74
C GLN A 225 -17.60 7.91 -6.65
N ARG A 226 -17.13 9.08 -6.24
CA ARG A 226 -17.23 10.25 -7.10
C ARG A 226 -16.24 10.14 -8.26
N GLU A 227 -14.94 10.02 -7.93
CA GLU A 227 -13.88 9.95 -8.89
C GLU A 227 -12.71 9.30 -8.17
N PRO A 228 -12.15 8.21 -8.69
CA PRO A 228 -10.92 7.66 -8.09
C PRO A 228 -9.77 8.61 -8.31
N THR A 229 -9.19 9.09 -7.20
CA THR A 229 -8.02 9.97 -7.23
C THR A 229 -6.79 9.16 -6.80
N TYR A 230 -5.61 9.75 -7.00
CA TYR A 230 -4.42 9.10 -6.49
C TYR A 230 -4.40 9.11 -4.98
N GLN A 231 -5.02 10.11 -4.34
CA GLN A 231 -5.13 10.12 -2.89
C GLN A 231 -5.97 8.96 -2.40
N LEU A 232 -7.09 8.68 -3.06
CA LEU A 232 -7.90 7.52 -2.68
C LEU A 232 -7.19 6.22 -3.01
N ASN A 233 -6.37 6.21 -4.06
CA ASN A 233 -5.58 5.01 -4.34
C ASN A 233 -4.49 4.82 -3.30
N ILE A 234 -3.96 5.91 -2.74
CA ILE A 234 -2.99 5.78 -1.65
C ILE A 234 -3.68 5.19 -0.42
N HIS A 235 -4.87 5.68 -0.09
CA HIS A 235 -5.64 5.09 1.01
C HIS A 235 -5.95 3.62 0.74
N ASP A 236 -6.18 3.27 -0.53
CA ASP A 236 -6.44 1.88 -0.88
C ASP A 236 -5.23 1.00 -0.55
N ILE A 237 -4.03 1.47 -0.92
CA ILE A 237 -2.80 0.75 -0.56
C ILE A 237 -2.68 0.66 0.96
N LYS A 238 -2.94 1.78 1.64
CA LYS A 238 -2.88 1.80 3.10
C LYS A 238 -3.81 0.74 3.71
N LEU A 239 -5.04 0.66 3.20
CA LEU A 239 -5.99 -0.33 3.70
C LEU A 239 -5.53 -1.75 3.39
N LEU A 240 -4.90 -1.95 2.23
CA LEU A 240 -4.34 -3.26 1.92
C LEU A 240 -3.23 -3.63 2.91
N PHE A 241 -2.29 -2.71 3.12
CA PHE A 241 -1.25 -2.92 4.13
C PHE A 241 -1.86 -3.24 5.49
N LEU A 242 -2.93 -2.52 5.85
CA LEU A 242 -3.56 -2.74 7.15
C LEU A 242 -4.21 -4.12 7.22
N ARG A 243 -4.62 -4.69 6.10
CA ARG A 243 -5.16 -6.05 6.14
C ARG A 243 -4.06 -7.07 6.42
N PHE A 244 -2.86 -6.85 5.87
CA PHE A 244 -1.71 -7.63 6.31
C PHE A 244 -1.48 -7.47 7.80
N ALA A 245 -1.41 -6.21 8.25
CA ALA A 245 -0.95 -5.91 9.61
C ALA A 245 -1.98 -6.30 10.66
N MET A 246 -3.27 -6.24 10.33
CA MET A 246 -4.32 -6.62 11.27
C MET A 246 -4.70 -8.09 11.17
N GLU A 247 -4.05 -8.85 10.29
CA GLU A 247 -4.37 -10.25 10.05
C GLU A 247 -5.85 -10.42 9.73
N GLN A 248 -6.34 -9.58 8.81
CA GLN A 248 -7.71 -9.64 8.36
C GLN A 248 -7.79 -10.40 7.04
N SER A 249 -8.97 -10.94 6.76
CA SER A 249 -9.12 -11.88 5.66
C SER A 249 -9.03 -11.17 4.31
N PHE A 250 -8.29 -11.79 3.39
CA PHE A 250 -8.25 -11.36 1.99
C PHE A 250 -9.25 -12.09 1.12
N SER A 251 -9.89 -13.15 1.64
CA SER A 251 -10.68 -14.05 0.83
C SER A 251 -12.15 -14.13 1.23
N ALA A 252 -12.56 -13.47 2.32
CA ALA A 252 -13.93 -13.63 2.80
C ALA A 252 -14.94 -13.08 1.79
N ASP A 253 -14.59 -12.02 1.09
CA ASP A 253 -15.51 -11.42 0.13
C ASP A 253 -15.42 -12.06 -1.26
N THR A 254 -14.25 -12.56 -1.63
CA THR A 254 -14.02 -13.07 -2.98
C THR A 254 -14.11 -14.58 -3.08
N GLY A 255 -13.86 -15.30 -1.98
CA GLY A 255 -13.81 -16.74 -1.99
C GLY A 255 -12.43 -17.33 -2.21
N GLY A 256 -11.41 -16.50 -2.39
CA GLY A 256 -10.06 -16.97 -2.62
C GLY A 256 -9.05 -15.85 -2.71
N GLY A 257 -7.83 -16.10 -2.27
CA GLY A 257 -6.81 -15.07 -2.22
C GLY A 257 -6.24 -14.93 -0.83
N GLY A 258 -4.98 -14.54 -0.71
CA GLY A 258 -4.34 -14.42 0.57
C GLY A 258 -3.21 -13.43 0.54
N ARG A 259 -2.33 -13.55 1.53
CA ARG A 259 -1.16 -12.67 1.57
C ARG A 259 -0.28 -12.86 0.34
N GLU A 260 -0.25 -14.07 -0.23
CA GLU A 260 0.59 -14.34 -1.38
C GLU A 260 0.10 -13.59 -2.61
N SER A 261 -1.19 -13.74 -2.94
CA SER A 261 -1.72 -13.08 -4.13
C SER A 261 -1.69 -11.56 -3.99
N ASN A 262 -1.93 -11.05 -2.78
CA ASN A 262 -2.08 -9.61 -2.62
C ASN A 262 -0.75 -8.88 -2.45
N ILE A 263 0.31 -9.57 -1.99
CA ILE A 263 1.62 -8.92 -2.00
C ILE A 263 2.05 -8.67 -3.44
N HIS A 264 1.61 -9.50 -4.38
CA HIS A 264 1.98 -9.30 -5.78
C HIS A 264 1.16 -8.20 -6.44
N LEU A 265 0.01 -7.86 -5.86
CA LEU A 265 -0.78 -6.73 -6.37
C LEU A 265 -0.16 -5.40 -5.97
N ILE A 266 0.52 -5.35 -4.83
CA ILE A 266 0.98 -4.08 -4.25
C ILE A 266 1.80 -3.25 -5.22
N PRO A 267 2.81 -3.79 -5.93
CA PRO A 267 3.61 -2.92 -6.81
C PRO A 267 2.80 -2.29 -7.92
N TYR A 268 1.69 -2.89 -8.32
CA TYR A 268 0.92 -2.38 -9.44
C TYR A 268 -0.12 -1.36 -9.04
N ILE A 269 -0.63 -1.42 -7.79
CA ILE A 269 -1.41 -0.28 -7.30
C ILE A 269 -0.48 0.91 -7.06
N ILE A 270 0.73 0.65 -6.56
CA ILE A 270 1.72 1.72 -6.41
C ILE A 270 1.95 2.40 -7.75
N HIS A 271 2.08 1.62 -8.82
CA HIS A 271 2.37 2.20 -10.13
C HIS A 271 1.23 3.10 -10.61
N THR A 272 -0.02 2.73 -10.31
CA THR A 272 -1.13 3.58 -10.72
C THR A 272 -1.12 4.90 -9.95
N VAL A 273 -0.70 4.88 -8.68
CA VAL A 273 -0.53 6.14 -7.96
C VAL A 273 0.59 6.95 -8.59
N LEU A 274 1.73 6.31 -8.86
CA LEU A 274 2.87 7.03 -9.43
C LEU A 274 2.53 7.60 -10.80
N TYR A 275 1.84 6.84 -11.64
CA TYR A 275 1.49 7.34 -12.96
C TYR A 275 0.72 8.65 -12.88
N VAL A 276 -0.27 8.71 -11.98
CA VAL A 276 -1.08 9.91 -11.86
C VAL A 276 -0.29 11.04 -11.19
N LEU A 277 0.49 10.71 -10.16
CA LEU A 277 1.36 11.71 -9.55
C LEU A 277 2.28 12.35 -10.58
N ASN A 278 2.83 11.54 -11.48
CA ASN A 278 3.82 12.06 -12.44
C ASN A 278 3.16 12.79 -13.60
N THR A 279 2.05 12.25 -14.12
CA THR A 279 1.41 12.90 -15.27
C THR A 279 0.76 14.23 -14.88
N THR A 280 0.26 14.36 -13.66
CA THR A 280 -0.34 15.60 -13.21
C THR A 280 0.64 16.49 -12.46
N ARG A 281 1.92 16.10 -12.36
CA ARG A 281 2.98 16.91 -11.78
C ARG A 281 2.65 17.32 -10.34
N ALA A 282 2.21 16.35 -9.55
CA ALA A 282 1.77 16.60 -8.18
C ALA A 282 2.80 16.22 -7.13
N THR A 283 3.95 15.67 -7.53
CA THR A 283 4.88 15.09 -6.56
C THR A 283 5.45 16.16 -5.62
N SER A 284 5.89 17.28 -6.18
CA SER A 284 6.50 18.32 -5.33
C SER A 284 5.51 18.84 -4.30
N ARG A 285 4.23 18.97 -4.68
CA ARG A 285 3.21 19.34 -3.72
C ARG A 285 3.11 18.31 -2.60
N GLU A 286 3.18 17.03 -2.94
CA GLU A 286 3.04 16.00 -1.92
C GLU A 286 4.29 15.87 -1.07
N GLU A 287 5.46 16.19 -1.62
CA GLU A 287 6.66 16.27 -0.81
C GLU A 287 6.51 17.32 0.28
N LYS A 288 5.87 18.45 -0.05
CA LYS A 288 5.64 19.49 0.96
C LYS A 288 4.59 19.04 1.97
N ASN A 289 3.55 18.35 1.50
CA ASN A 289 2.55 17.80 2.42
C ASN A 289 3.20 16.81 3.39
N LEU A 290 4.04 15.91 2.87
CA LEU A 290 4.69 14.93 3.73
C LEU A 290 5.59 15.60 4.75
N GLN A 291 6.36 16.60 4.34
CA GLN A 291 7.20 17.31 5.29
C GLN A 291 6.37 18.01 6.35
N GLY A 292 5.21 18.53 5.96
CA GLY A 292 4.31 19.11 6.93
C GLY A 292 3.89 18.12 7.99
N PHE A 293 3.60 16.88 7.58
CA PHE A 293 3.25 15.84 8.55
C PHE A 293 4.42 15.54 9.48
N LEU A 294 5.62 15.41 8.91
CA LEU A 294 6.78 15.06 9.73
C LEU A 294 7.15 16.18 10.69
N GLU A 295 6.79 17.43 10.36
CA GLU A 295 7.12 18.58 11.18
C GLU A 295 6.05 18.90 12.22
N GLN A 296 4.96 18.14 12.25
CA GLN A 296 3.94 18.35 13.29
C GLN A 296 4.58 18.26 14.67
N PRO A 297 4.40 19.25 15.53
CA PRO A 297 4.95 19.15 16.88
C PRO A 297 4.25 18.04 17.67
N LYS A 298 4.91 17.60 18.73
CA LYS A 298 4.41 16.45 19.49
C LYS A 298 3.03 16.72 20.08
N GLU A 299 2.70 17.99 20.35
CA GLU A 299 1.37 18.33 20.85
C GLU A 299 0.27 18.08 19.83
N LYS A 300 0.61 17.64 18.62
CA LYS A 300 -0.35 17.31 17.58
C LYS A 300 -0.50 15.81 17.36
N TRP A 301 0.44 14.99 17.86
CA TRP A 301 0.52 13.59 17.45
C TRP A 301 -0.73 12.81 17.85
N VAL A 302 -1.26 13.07 19.05
CA VAL A 302 -2.44 12.32 19.50
C VAL A 302 -3.64 12.62 18.61
N GLU A 303 -3.84 13.89 18.26
CA GLU A 303 -4.93 14.23 17.35
C GLU A 303 -4.76 13.58 15.99
N SER A 304 -3.52 13.56 15.48
CA SER A 304 -3.27 12.94 14.17
C SER A 304 -3.63 11.46 14.17
N ALA A 305 -3.63 10.82 15.34
CA ALA A 305 -3.93 9.40 15.43
C ALA A 305 -5.37 9.07 15.02
N PHE A 306 -6.26 10.07 15.01
CA PHE A 306 -7.65 9.84 14.66
C PHE A 306 -8.07 10.59 13.40
N GLU A 307 -7.12 11.12 12.64
CA GLU A 307 -7.42 11.84 11.41
C GLU A 307 -7.35 10.91 10.21
N VAL A 308 -8.11 11.25 9.17
CA VAL A 308 -8.13 10.45 7.95
C VAL A 308 -6.74 10.45 7.30
N ASP A 309 -6.16 11.63 7.14
CA ASP A 309 -4.80 11.75 6.58
C ASP A 309 -3.80 11.81 7.74
N GLY A 310 -3.60 10.65 8.36
CA GLY A 310 -2.74 10.53 9.51
C GLY A 310 -1.47 9.76 9.22
N PRO A 311 -0.82 9.25 10.28
CA PRO A 311 0.48 8.60 10.10
C PRO A 311 0.47 7.42 9.14
N TYR A 312 -0.61 6.63 9.13
CA TYR A 312 -0.66 5.51 8.19
C TYR A 312 -0.72 6.00 6.75
N TYR A 313 -1.56 7.00 6.48
CA TYR A 313 -1.65 7.56 5.13
C TYR A 313 -0.32 8.14 4.68
N PHE A 314 0.31 8.97 5.52
CA PHE A 314 1.52 9.65 5.11
C PHE A 314 2.71 8.70 5.00
N THR A 315 2.67 7.58 5.72
CA THR A 315 3.71 6.56 5.52
C THR A 315 3.62 5.96 4.12
N VAL A 316 2.41 5.66 3.66
CA VAL A 316 2.26 5.13 2.31
C VAL A 316 2.63 6.18 1.27
N LEU A 317 2.27 7.44 1.53
CA LEU A 317 2.69 8.51 0.62
C LEU A 317 4.21 8.61 0.53
N ALA A 318 4.90 8.45 1.67
CA ALA A 318 6.36 8.50 1.66
C ALA A 318 6.96 7.44 0.75
N LEU A 319 6.38 6.24 0.76
CA LEU A 319 6.87 5.16 -0.10
C LEU A 319 6.83 5.56 -1.57
N HIS A 320 5.85 6.36 -1.97
CA HIS A 320 5.72 6.77 -3.36
C HIS A 320 6.65 7.92 -3.76
N ILE A 321 7.11 8.73 -2.80
CA ILE A 321 7.84 9.94 -3.17
C ILE A 321 9.21 10.05 -2.51
N LEU A 322 9.54 9.31 -1.44
CA LEU A 322 10.88 9.38 -0.86
C LEU A 322 11.74 8.22 -1.32
N PRO A 323 12.95 8.47 -1.80
CA PRO A 323 13.83 7.36 -2.22
C PRO A 323 14.35 6.59 -1.02
N PRO A 324 14.91 5.39 -1.23
CA PRO A 324 15.27 4.53 -0.08
C PRO A 324 16.15 5.18 0.97
N GLU A 325 17.11 6.03 0.58
CA GLU A 325 17.97 6.66 1.58
C GLU A 325 17.19 7.61 2.47
N GLN A 326 16.23 8.33 1.88
CA GLN A 326 15.42 9.25 2.68
C GLN A 326 14.46 8.49 3.59
N TRP A 327 14.00 7.32 3.16
CA TRP A 327 13.24 6.46 4.07
C TRP A 327 14.12 6.00 5.22
N ARG A 328 15.37 5.62 4.93
CA ARG A 328 16.28 5.22 5.99
C ARG A 328 16.45 6.32 7.02
N ALA A 329 16.55 7.57 6.56
CA ALA A 329 16.72 8.70 7.46
C ALA A 329 15.43 9.12 8.14
N THR A 330 14.28 8.58 7.72
CA THR A 330 12.98 8.97 8.26
C THR A 330 12.24 7.83 8.96
N ARG A 331 12.66 6.58 8.80
CA ARG A 331 11.81 5.47 9.22
C ARG A 331 11.70 5.36 10.73
N VAL A 332 12.71 5.81 11.48
CA VAL A 332 12.62 5.75 12.94
C VAL A 332 11.61 6.78 13.44
N GLU A 333 11.58 7.96 12.83
CA GLU A 333 10.56 8.95 13.20
C GLU A 333 9.16 8.46 12.83
N ILE A 334 9.03 7.81 11.67
CA ILE A 334 7.75 7.17 11.34
C ILE A 334 7.39 6.14 12.40
N LEU A 335 8.38 5.37 12.85
CA LEU A 335 8.14 4.40 13.92
C LEU A 335 7.62 5.07 15.18
N ARG A 336 8.19 6.22 15.54
CA ARG A 336 7.69 6.99 16.68
C ARG A 336 6.24 7.39 16.47
N ARG A 337 5.89 7.87 15.27
CA ARG A 337 4.53 8.29 15.00
C ARG A 337 3.56 7.13 15.07
N LEU A 338 3.97 5.94 14.62
CA LEU A 338 3.09 4.79 14.66
C LEU A 338 2.92 4.28 16.09
N LEU A 339 3.99 4.35 16.89
CA LEU A 339 3.91 3.90 18.28
C LEU A 339 2.99 4.79 19.10
N VAL A 340 3.09 6.11 18.92
CA VAL A 340 2.21 7.04 19.63
C VAL A 340 0.78 6.90 19.14
N THR A 341 0.60 6.67 17.83
CA THR A 341 -0.74 6.47 17.29
C THR A 341 -1.40 5.25 17.89
N SER A 342 -0.63 4.17 18.05
CA SER A 342 -1.16 2.94 18.65
C SER A 342 -1.53 3.17 20.11
N GLN A 343 -0.68 3.90 20.85
CA GLN A 343 -0.98 4.20 22.24
C GLN A 343 -2.30 4.96 22.36
N ALA A 344 -2.45 6.03 21.59
CA ALA A 344 -3.67 6.85 21.68
C ALA A 344 -4.90 6.05 21.31
N ARG A 345 -4.81 5.22 20.26
CA ARG A 345 -5.97 4.45 19.83
C ARG A 345 -6.32 3.35 20.82
N ALA A 346 -5.31 2.76 21.46
CA ALA A 346 -5.59 1.70 22.43
C ALA A 346 -6.22 2.26 23.69
N VAL A 347 -5.73 3.39 24.18
CA VAL A 347 -6.23 3.93 25.45
C VAL A 347 -7.50 4.77 25.29
N ALA A 348 -7.73 5.35 24.11
CA ALA A 348 -8.90 6.19 23.86
C ALA A 348 -9.41 5.95 22.45
N PRO A 349 -10.05 4.81 22.21
CA PRO A 349 -10.57 4.53 20.86
C PRO A 349 -11.58 5.56 20.38
N GLY A 350 -12.30 6.21 21.28
CA GLY A 350 -13.27 7.22 20.91
C GLY A 350 -12.71 8.56 20.51
N GLY A 351 -11.41 8.76 20.60
CA GLY A 351 -10.79 10.00 20.21
C GLY A 351 -10.19 10.74 21.40
N ALA A 352 -9.15 11.51 21.14
CA ALA A 352 -8.47 12.29 22.17
C ALA A 352 -7.56 13.31 21.49
N THR A 353 -7.15 14.32 22.27
CA THR A 353 -6.15 15.28 21.84
C THR A 353 -4.91 15.30 22.71
N ARG A 354 -4.99 14.76 23.93
CA ARG A 354 -3.83 14.59 24.79
C ARG A 354 -3.69 13.11 25.16
N LEU A 355 -2.48 12.72 25.50
CA LEU A 355 -2.20 11.35 25.91
C LEU A 355 -2.31 11.28 27.44
N THR A 356 -3.53 11.01 27.91
CA THR A 356 -3.75 10.95 29.36
C THR A 356 -3.06 9.76 29.99
N ASP A 357 -3.01 8.63 29.29
CA ASP A 357 -2.37 7.40 29.77
C ASP A 357 -1.13 7.16 28.92
N LYS A 358 0.04 7.48 29.49
CA LYS A 358 1.30 7.36 28.78
C LYS A 358 2.11 6.13 29.18
N ALA A 359 1.50 5.21 29.92
CA ALA A 359 2.23 4.04 30.41
C ALA A 359 2.32 2.97 29.33
N VAL A 360 3.47 2.31 29.27
CA VAL A 360 3.68 1.23 28.30
C VAL A 360 2.62 0.16 28.52
N LYS A 361 2.01 -0.27 27.42
CA LYS A 361 0.94 -1.27 27.45
C LYS A 361 1.45 -2.61 26.94
N ASP A 362 0.58 -3.60 27.04
CA ASP A 362 0.83 -4.90 26.43
C ASP A 362 1.14 -4.73 24.95
N TYR A 363 1.98 -5.63 24.43
CA TYR A 363 2.43 -5.50 23.04
C TYR A 363 1.27 -5.51 22.03
N SER A 364 0.11 -6.06 22.41
CA SER A 364 -1.03 -6.04 21.51
C SER A 364 -1.41 -4.62 21.11
N ALA A 365 -1.08 -3.64 21.95
CA ALA A 365 -1.41 -2.26 21.62
C ALA A 365 -0.65 -1.77 20.40
N TYR A 366 0.57 -2.27 20.19
CA TYR A 366 1.45 -1.78 19.13
C TYR A 366 1.64 -2.76 18.00
N ARG A 367 1.18 -4.01 18.15
CA ARG A 367 1.57 -5.07 17.23
C ARG A 367 1.23 -4.74 15.78
N SER A 368 -0.01 -4.30 15.52
CA SER A 368 -0.42 -4.09 14.14
C SER A 368 0.32 -2.91 13.51
N SER A 369 0.56 -1.85 14.28
CA SER A 369 1.31 -0.71 13.71
C SER A 369 2.74 -1.11 13.36
N LEU A 370 3.34 -1.99 14.15
CA LEU A 370 4.71 -2.41 13.87
C LEU A 370 4.77 -3.33 12.65
N LEU A 371 3.74 -4.17 12.47
CA LEU A 371 3.65 -4.97 11.24
C LEU A 371 3.44 -4.08 10.03
N PHE A 372 2.67 -3.00 10.19
CA PHE A 372 2.51 -2.02 9.12
C PHE A 372 3.85 -1.39 8.74
N TRP A 373 4.60 -0.92 9.74
CA TRP A 373 5.95 -0.41 9.51
C TRP A 373 6.81 -1.45 8.80
N ALA A 374 6.75 -2.69 9.27
CA ALA A 374 7.59 -3.75 8.70
C ALA A 374 7.28 -3.96 7.22
N LEU A 375 5.99 -4.01 6.86
CA LEU A 375 5.63 -4.22 5.47
C LEU A 375 6.16 -3.10 4.59
N VAL A 376 6.05 -1.85 5.05
CA VAL A 376 6.57 -0.72 4.28
C VAL A 376 8.09 -0.85 4.13
N ASP A 377 8.77 -1.16 5.24
CA ASP A 377 10.22 -1.33 5.16
C ASP A 377 10.60 -2.46 4.21
N LEU A 378 9.82 -3.55 4.21
CA LEU A 378 10.13 -4.68 3.34
C LEU A 378 9.91 -4.35 1.87
N ILE A 379 8.94 -3.47 1.57
CA ILE A 379 8.72 -3.08 0.18
C ILE A 379 9.82 -2.13 -0.28
N TYR A 380 10.24 -1.21 0.59
CA TYR A 380 11.44 -0.42 0.30
C TYR A 380 12.64 -1.33 0.03
N ASN A 381 12.74 -2.43 0.77
CA ASN A 381 13.83 -3.39 0.53
C ASN A 381 13.71 -4.03 -0.86
N MET A 382 12.48 -4.33 -1.29
CA MET A 382 12.27 -4.78 -2.67
C MET A 382 12.85 -3.79 -3.68
N PHE A 383 12.77 -2.50 -3.37
CA PHE A 383 13.16 -1.43 -4.29
C PHE A 383 14.48 -0.80 -3.90
N LYS A 384 15.33 -1.53 -3.17
CA LYS A 384 16.49 -0.92 -2.53
C LYS A 384 17.50 -0.40 -3.55
N LYS A 385 17.67 -1.11 -4.67
CA LYS A 385 18.65 -0.74 -5.69
C LYS A 385 18.02 -0.02 -6.88
N VAL A 386 16.77 0.41 -6.75
CA VAL A 386 16.09 1.10 -7.85
C VAL A 386 16.71 2.47 -8.06
N PRO A 387 16.97 2.88 -9.31
CA PRO A 387 17.51 4.23 -9.54
C PRO A 387 16.60 5.29 -8.92
N THR A 388 17.21 6.36 -8.44
CA THR A 388 16.51 7.34 -7.61
C THR A 388 16.10 8.60 -8.36
N SER A 389 16.58 8.78 -9.59
CA SER A 389 16.10 9.82 -10.48
C SER A 389 16.23 9.31 -11.90
N ASN A 390 15.45 9.89 -12.81
CA ASN A 390 15.58 9.59 -14.23
C ASN A 390 15.50 10.90 -14.98
N THR A 391 15.26 10.82 -16.30
CA THR A 391 15.19 12.03 -17.12
C THR A 391 14.07 12.95 -16.67
N GLU A 392 12.96 12.35 -16.21
CA GLU A 392 11.72 13.11 -16.00
C GLU A 392 11.55 13.64 -14.58
N GLY A 393 12.15 13.00 -13.58
CA GLY A 393 11.93 13.44 -12.22
C GLY A 393 12.77 12.65 -11.23
N GLY A 394 12.27 12.61 -10.00
CA GLY A 394 12.93 11.92 -8.90
C GLY A 394 12.34 10.55 -8.66
N TRP A 395 12.25 10.17 -7.38
CA TRP A 395 11.87 8.81 -7.00
C TRP A 395 10.52 8.41 -7.60
N SER A 396 9.53 9.29 -7.53
CA SER A 396 8.19 8.95 -8.03
C SER A 396 8.25 8.57 -9.51
N CYS A 397 9.17 9.18 -10.27
CA CYS A 397 9.34 8.88 -11.68
C CYS A 397 10.21 7.65 -11.89
N SER A 398 11.33 7.57 -11.19
CA SER A 398 12.26 6.48 -11.43
C SER A 398 11.67 5.15 -10.96
N LEU A 399 10.93 5.16 -9.84
CA LEU A 399 10.31 3.93 -9.37
C LEU A 399 9.24 3.45 -10.34
N ALA A 400 8.45 4.38 -10.90
CA ALA A 400 7.46 4.00 -11.89
C ALA A 400 8.12 3.35 -13.10
N GLU A 401 9.21 3.94 -13.59
CA GLU A 401 9.92 3.36 -14.72
C GLU A 401 10.45 1.97 -14.37
N TYR A 402 10.97 1.81 -13.15
CA TYR A 402 11.47 0.49 -12.75
C TYR A 402 10.36 -0.54 -12.73
N ILE A 403 9.19 -0.19 -12.20
CA ILE A 403 8.10 -1.16 -12.09
C ILE A 403 7.66 -1.60 -13.49
N ARG A 404 7.61 -0.67 -14.44
CA ARG A 404 7.21 -1.00 -15.81
C ARG A 404 8.11 -2.07 -16.41
N HIS A 405 9.40 -2.03 -16.09
CA HIS A 405 10.40 -2.84 -16.78
C HIS A 405 10.81 -4.10 -16.01
N ASN A 406 10.26 -4.35 -14.83
CA ASN A 406 10.81 -5.39 -13.97
C ASN A 406 9.71 -6.21 -13.29
N ASP A 407 8.76 -6.68 -14.09
CA ASP A 407 7.68 -7.53 -13.54
C ASP A 407 8.25 -8.73 -12.80
N MET A 408 9.23 -9.42 -13.39
CA MET A 408 9.69 -10.67 -12.81
C MET A 408 10.65 -10.45 -11.64
N PRO A 409 11.64 -9.54 -11.73
CA PRO A 409 12.42 -9.24 -10.52
C PRO A 409 11.55 -8.79 -9.36
N ILE A 410 10.49 -8.03 -9.64
CA ILE A 410 9.58 -7.59 -8.58
C ILE A 410 8.79 -8.77 -8.04
N TYR A 411 8.36 -9.67 -8.92
CA TYR A 411 7.68 -10.88 -8.47
C TYR A 411 8.55 -11.67 -7.51
N GLU A 412 9.85 -11.81 -7.83
CA GLU A 412 10.75 -12.53 -6.95
C GLU A 412 10.90 -11.80 -5.62
N ALA A 413 11.11 -10.48 -5.67
CA ALA A 413 11.34 -9.72 -4.45
C ALA A 413 10.09 -9.69 -3.56
N ALA A 414 8.90 -9.69 -4.17
CA ALA A 414 7.68 -9.68 -3.37
C ALA A 414 7.51 -10.99 -2.59
N ASP A 415 7.84 -12.13 -3.21
CA ASP A 415 7.79 -13.40 -2.50
C ASP A 415 8.76 -13.40 -1.33
N LYS A 416 9.96 -12.84 -1.52
CA LYS A 416 10.93 -12.76 -0.43
C LYS A 416 10.45 -11.84 0.67
N ALA A 417 9.84 -10.70 0.30
CA ALA A 417 9.31 -9.79 1.31
C ALA A 417 8.23 -10.46 2.14
N LEU A 418 7.31 -11.18 1.49
CA LEU A 418 6.27 -11.87 2.22
C LEU A 418 6.84 -12.95 3.13
N LYS A 419 7.89 -13.63 2.67
CA LYS A 419 8.54 -14.65 3.49
C LYS A 419 9.07 -14.05 4.79
N THR A 420 9.79 -12.93 4.68
CA THR A 420 10.29 -12.25 5.87
C THR A 420 9.14 -11.78 6.76
N PHE A 421 8.09 -11.21 6.15
CA PHE A 421 6.95 -10.74 6.92
C PHE A 421 6.31 -11.87 7.72
N GLN A 422 6.08 -13.02 7.06
CA GLN A 422 5.40 -14.13 7.72
C GLN A 422 6.32 -14.87 8.69
N GLU A 423 7.57 -15.12 8.29
CA GLU A 423 8.44 -15.98 9.10
C GLU A 423 9.09 -15.22 10.24
N GLU A 424 9.29 -13.91 10.11
CA GLU A 424 10.07 -13.18 11.10
C GLU A 424 9.26 -12.12 11.84
N PHE A 425 8.48 -11.31 11.12
CA PHE A 425 7.79 -10.21 11.80
C PHE A 425 6.51 -10.66 12.48
N MET A 426 5.72 -11.51 11.84
CA MET A 426 4.46 -11.92 12.44
C MET A 426 4.62 -12.66 13.77
N PRO A 427 5.63 -13.51 13.98
CA PRO A 427 5.78 -14.15 15.31
C PRO A 427 6.28 -13.23 16.40
N VAL A 428 6.66 -11.98 16.09
CA VAL A 428 7.20 -11.09 17.11
C VAL A 428 6.18 -10.87 18.22
N GLU A 429 6.66 -10.93 19.47
CA GLU A 429 5.79 -10.80 20.64
C GLU A 429 6.12 -9.62 21.54
N THR A 430 7.29 -9.00 21.38
CA THR A 430 7.68 -7.86 22.20
C THR A 430 8.29 -6.77 21.32
N PHE A 431 8.34 -5.55 21.86
CA PHE A 431 8.95 -4.46 21.12
C PHE A 431 10.45 -4.67 20.94
N SER A 432 11.10 -5.28 21.93
CA SER A 432 12.52 -5.59 21.79
C SER A 432 12.76 -6.60 20.68
N GLU A 433 11.88 -7.60 20.57
CA GLU A 433 11.98 -8.56 19.47
C GLU A 433 11.76 -7.89 18.13
N PHE A 434 10.84 -6.92 18.07
CA PHE A 434 10.60 -6.20 16.82
C PHE A 434 11.87 -5.49 16.35
N LEU A 435 12.51 -4.75 17.25
CA LEU A 435 13.72 -4.01 16.88
C LEU A 435 14.81 -4.96 16.39
N ASP A 436 14.91 -6.13 17.01
CA ASP A 436 15.87 -7.13 16.55
C ASP A 436 15.55 -7.58 15.12
N VAL A 437 14.32 -8.03 14.88
CA VAL A 437 13.93 -8.51 13.56
C VAL A 437 14.03 -7.38 12.53
N ALA A 438 13.66 -6.16 12.93
CA ALA A 438 13.71 -5.04 12.01
C ALA A 438 15.12 -4.56 11.72
N GLY A 439 16.13 -5.11 12.40
CA GLY A 439 17.49 -4.64 12.20
C GLY A 439 17.72 -3.23 12.71
N LEU A 440 16.99 -2.82 13.74
CA LEU A 440 17.07 -1.46 14.27
C LEU A 440 17.87 -1.38 15.57
N LEU A 441 18.41 -2.49 16.06
CA LEU A 441 19.04 -2.48 17.38
C LEU A 441 20.29 -1.62 17.42
N SER A 442 20.97 -1.45 16.28
CA SER A 442 22.14 -0.58 16.25
C SER A 442 21.75 0.90 16.27
N GLU A 443 20.50 1.23 15.95
CA GLU A 443 20.02 2.61 16.00
C GLU A 443 19.22 2.91 17.26
N ILE A 444 18.63 1.90 17.90
CA ILE A 444 17.86 2.08 19.12
C ILE A 444 18.46 1.14 20.16
N THR A 445 19.25 1.70 21.08
CA THR A 445 20.06 0.87 21.99
C THR A 445 19.19 0.05 22.93
N ASP A 446 18.36 0.70 23.72
CA ASP A 446 17.49 0.02 24.68
C ASP A 446 16.04 0.16 24.24
N PRO A 447 15.38 -0.92 23.81
CA PRO A 447 13.96 -0.82 23.46
C PRO A 447 13.08 -0.39 24.62
N GLU A 448 13.32 -0.92 25.83
CA GLU A 448 12.48 -0.58 26.97
C GLU A 448 12.46 0.92 27.22
N SER A 449 13.65 1.52 27.30
CA SER A 449 13.72 2.95 27.54
C SER A 449 13.20 3.77 26.36
N PHE A 450 13.43 3.30 25.13
CA PHE A 450 12.99 4.03 23.95
C PHE A 450 11.47 4.22 23.96
N LEU A 451 10.73 3.13 24.15
CA LEU A 451 9.27 3.21 24.14
C LEU A 451 8.75 4.03 25.33
N LYS A 452 9.26 3.74 26.52
CA LYS A 452 8.77 4.43 27.72
C LYS A 452 9.04 5.94 27.63
N ASP A 453 10.26 6.31 27.23
CA ASP A 453 10.60 7.72 27.13
C ASP A 453 9.80 8.41 26.03
N LEU A 454 9.56 7.72 24.92
CA LEU A 454 8.79 8.31 23.83
C LEU A 454 7.37 8.62 24.27
N LEU A 455 6.71 7.66 24.92
CA LEU A 455 5.32 7.87 25.33
C LEU A 455 5.22 8.96 26.39
N ASN A 456 6.14 8.98 27.35
CA ASN A 456 6.14 10.04 28.35
C ASN A 456 6.40 11.41 27.74
N SER A 457 7.07 11.47 26.59
CA SER A 457 7.38 12.73 25.93
C SER A 457 6.16 13.38 25.28
N VAL A 458 5.04 12.66 25.16
CA VAL A 458 3.87 13.16 24.46
C VAL A 458 2.97 13.89 25.46
N PRO A 459 2.53 15.12 25.16
CA PRO A 459 1.68 15.91 26.06
C PRO A 459 0.33 15.24 26.34
ZN ZN B . -4.86 -12.27 -23.99
C1 EDO C . 5.78 -3.15 24.89
O1 EDO C . 4.73 -3.99 25.38
C2 EDO C . 7.11 -3.87 25.03
O2 EDO C . 7.04 -5.12 24.33
C1 EDO D . 12.29 11.71 20.17
O1 EDO D . 10.87 11.88 20.13
C2 EDO D . 12.96 13.04 20.53
O2 EDO D . 12.75 13.31 21.92
#